data_4D7J
#
_entry.id   4D7J
#
_cell.length_a   80.531
_cell.length_b   94.801
_cell.length_c   62.828
_cell.angle_alpha   90.00
_cell.angle_beta   90.00
_cell.angle_gamma   90.00
#
_symmetry.space_group_name_H-M   'P 21 21 2'
#
loop_
_entity.id
_entity.type
_entity.pdbx_description
1 polymer 'NITRIC OXIDE SYNTHASE OXYGENASE'
2 non-polymer 'PROTOPORPHYRIN IX CONTAINING FE'
3 non-polymer 5,6,7,8-TETRAHYDROBIOPTERIN
4 non-polymer 'CHLORIDE ION'
5 non-polymer 6-[4-({[2-(3-fluorophenyl)ethyl]amino}methyl)phenyl]-4-methylpyridin-2-amine
6 non-polymer GLYCEROL
7 non-polymer DI(HYDROXYETHYL)ETHER
8 non-polymer N-PROPANOL
9 water water
#
_entity_poly.entity_id   1
_entity_poly.type   'polypeptide(L)'
_entity_poly.pdbx_seq_one_letter_code
;MEEKEILWNEAKAFIAACYQELGKAAEVKDRLADIKSEIDLTGSYVHTKEELEHGAKMAWRNSNRCIGRLFWNSLNVIDR
RDVRTKEEVRDALFHHIETATNNGKIRPTITIFPPEEKGEKQVEIWNHQLIRYAGYESDGERIGDPASCSLTAACEELGW
RGERTDFDLLPLIFRMKGDEQPVWYELPRSLVIEVPITHPDIEAFSDLELKWYGVPIISDMKLEVGGIHYNAAPFNGWYM
GTEIGARNLADEKRYDKLKKVASVIGIAADYNTDLWKDQALVELNKAVLHSYKKQGVSIVDHHTAASQFKRFEEQAEEAG
RKLTGDWTWLIPPISPAATHIFHRSYDNSIVKPNYFYQDKPYE
;
_entity_poly.pdbx_strand_id   A
#
loop_
_chem_comp.id
_chem_comp.type
_chem_comp.name
_chem_comp.formula
0GD non-polymer 6-[4-({[2-(3-fluorophenyl)ethyl]amino}methyl)phenyl]-4-methylpyridin-2-amine 'C21 H22 F N3'
CL non-polymer 'CHLORIDE ION' 'Cl -1'
GOL non-polymer GLYCEROL 'C3 H8 O3'
H4B non-polymer 5,6,7,8-TETRAHYDROBIOPTERIN 'C9 H15 N5 O3'
HEM non-polymer 'PROTOPORPHYRIN IX CONTAINING FE' 'C34 H32 Fe N4 O4'
PEG non-polymer DI(HYDROXYETHYL)ETHER 'C4 H10 O3'
POL non-polymer N-PROPANOL 'C3 H8 O'
#
# COMPACT_ATOMS: atom_id res chain seq x y z
N GLU A 2 31.13 6.10 8.47
CA GLU A 2 30.25 6.89 7.62
C GLU A 2 28.78 6.48 7.76
N GLU A 3 28.52 5.19 7.62
CA GLU A 3 27.17 4.66 7.75
C GLU A 3 26.65 4.89 9.17
N LYS A 4 27.53 4.68 10.16
CA LYS A 4 27.21 4.92 11.55
C LYS A 4 26.82 6.37 11.77
N GLU A 5 27.55 7.27 11.10
CA GLU A 5 27.27 8.69 11.22
C GLU A 5 25.91 9.02 10.62
N ILE A 6 25.60 8.42 9.48
CA ILE A 6 24.30 8.57 8.87
C ILE A 6 23.24 8.08 9.86
N LEU A 7 23.51 6.92 10.48
CA LEU A 7 22.60 6.33 11.44
C LEU A 7 22.40 7.24 12.66
N TRP A 8 23.49 7.74 13.22
CA TRP A 8 23.45 8.57 14.43
C TRP A 8 22.75 9.91 14.18
N ASN A 9 23.03 10.51 13.03
CA ASN A 9 22.39 11.77 12.66
C ASN A 9 20.88 11.60 12.47
N GLU A 10 20.49 10.50 11.81
CA GLU A 10 19.08 10.19 11.60
C GLU A 10 18.40 9.88 12.92
N ALA A 11 19.12 9.21 13.81
CA ALA A 11 18.58 8.82 15.11
C ALA A 11 18.31 10.05 15.98
N LYS A 12 19.27 10.97 16.00
CA LYS A 12 19.13 12.22 16.75
C LYS A 12 17.92 13.02 16.29
N ALA A 13 17.72 13.12 14.98
CA ALA A 13 16.59 13.86 14.43
C ALA A 13 15.28 13.20 14.80
N PHE A 14 15.21 11.88 14.63
CA PHE A 14 13.98 11.15 14.90
C PHE A 14 13.58 11.16 16.37
N ILE A 15 14.53 10.85 17.26
CA ILE A 15 14.22 10.74 18.68
C ILE A 15 13.74 12.08 19.24
N ALA A 16 14.46 13.15 18.89
CA ALA A 16 14.05 14.50 19.28
C ALA A 16 12.62 14.80 18.85
N ALA A 17 12.33 14.57 17.57
CA ALA A 17 11.00 14.88 17.04
C ALA A 17 9.92 13.97 17.64
N CYS A 18 10.22 12.68 17.68
CA CYS A 18 9.29 11.69 18.23
C CYS A 18 8.91 12.01 19.68
N TYR A 19 9.92 12.22 20.52
CA TYR A 19 9.68 12.47 21.94
C TYR A 19 9.00 13.82 22.16
N GLN A 20 9.25 14.79 21.29
CA GLN A 20 8.56 16.08 21.34
C GLN A 20 7.07 15.84 21.20
N GLU A 21 6.71 15.13 20.14
CA GLU A 21 5.33 14.88 19.78
C GLU A 21 4.63 14.04 20.85
N LEU A 22 5.40 13.22 21.55
CA LEU A 22 4.88 12.36 22.61
C LEU A 22 4.97 13.02 23.98
N GLY A 23 5.37 14.28 24.03
CA GLY A 23 5.52 14.98 25.31
C GLY A 23 6.61 14.42 26.21
N LYS A 24 7.61 13.79 25.60
CA LYS A 24 8.69 13.13 26.33
C LYS A 24 10.05 13.81 26.13
N ALA A 25 10.03 15.12 25.87
CA ALA A 25 11.26 15.85 25.54
C ALA A 25 12.39 15.73 26.57
N ALA A 26 12.03 15.59 27.85
CA ALA A 26 13.03 15.50 28.91
C ALA A 26 13.82 14.19 28.87
N GLU A 27 13.29 13.18 28.20
CA GLU A 27 13.89 11.86 28.14
C GLU A 27 14.83 11.72 26.94
N VAL A 28 14.79 12.70 26.06
CA VAL A 28 15.59 12.70 24.84
C VAL A 28 17.10 12.55 25.12
N LYS A 29 17.58 13.33 26.08
CA LYS A 29 19.02 13.37 26.39
C LYS A 29 19.58 11.99 26.77
N ASP A 30 18.95 11.35 27.76
CA ASP A 30 19.41 10.04 28.21
C ASP A 30 19.23 8.95 27.15
N ARG A 31 18.11 9.01 26.45
CA ARG A 31 17.84 8.04 25.39
C ARG A 31 18.89 8.12 24.28
N LEU A 32 19.27 9.33 23.91
CA LEU A 32 20.28 9.54 22.88
C LEU A 32 21.65 8.96 23.31
N ALA A 33 22.00 9.16 24.57
CA ALA A 33 23.24 8.61 25.11
C ALA A 33 23.24 7.09 24.98
N ASP A 34 22.14 6.47 25.38
CA ASP A 34 21.99 5.02 25.29
C ASP A 34 22.17 4.53 23.86
N ILE A 35 21.45 5.16 22.94
CA ILE A 35 21.54 4.84 21.51
C ILE A 35 22.96 5.00 21.00
N LYS A 36 23.61 6.11 21.38
CA LYS A 36 24.97 6.39 20.94
C LYS A 36 25.96 5.30 21.38
N SER A 37 25.79 4.82 22.61
CA SER A 37 26.61 3.71 23.09
C SER A 37 26.30 2.46 22.29
N GLU A 38 25.01 2.21 22.10
CA GLU A 38 24.55 1.00 21.43
C GLU A 38 25.03 0.95 19.98
N ILE A 39 25.07 2.10 19.31
CA ILE A 39 25.62 2.18 17.97
C ILE A 39 27.12 1.86 18.00
N ASP A 40 27.82 2.45 18.95
CA ASP A 40 29.26 2.22 19.11
C ASP A 40 29.61 0.74 19.22
N LEU A 41 28.81 -0.01 19.98
CA LEU A 41 29.13 -1.40 20.29
C LEU A 41 28.61 -2.39 19.27
N THR A 42 27.38 -2.18 18.81
CA THR A 42 26.66 -3.14 17.99
C THR A 42 26.58 -2.73 16.52
N GLY A 43 26.78 -1.44 16.26
CA GLY A 43 26.68 -0.93 14.90
C GLY A 43 25.28 -0.48 14.54
N SER A 44 24.38 -0.55 15.52
CA SER A 44 22.98 -0.20 15.29
C SER A 44 22.27 0.06 16.62
N TYR A 45 20.95 0.27 16.56
CA TYR A 45 20.16 0.39 17.78
C TYR A 45 18.74 -0.15 17.61
N VAL A 46 18.11 -0.47 18.73
CA VAL A 46 16.78 -1.08 18.72
C VAL A 46 15.74 -0.08 19.24
N HIS A 47 14.69 0.13 18.46
CA HIS A 47 13.61 1.04 18.85
C HIS A 47 12.77 0.47 19.99
N THR A 48 12.31 1.34 20.88
CA THR A 48 11.32 0.96 21.86
C THR A 48 10.02 0.71 21.09
N LYS A 49 9.06 0.02 21.70
CA LYS A 49 7.78 -0.19 21.02
C LYS A 49 7.08 1.12 20.72
N GLU A 50 7.23 2.08 21.64
CA GLU A 50 6.64 3.41 21.48
C GLU A 50 7.23 4.15 20.27
N GLU A 51 8.56 4.09 20.15
CA GLU A 51 9.27 4.70 19.04
C GLU A 51 8.87 4.06 17.71
N LEU A 52 8.76 2.74 17.70
CA LEU A 52 8.42 2.03 16.48
C LEU A 52 7.02 2.41 16.01
N GLU A 53 6.07 2.39 16.94
CA GLU A 53 4.68 2.70 16.63
C GLU A 53 4.55 4.14 16.13
N HIS A 54 5.12 5.09 16.86
CA HIS A 54 4.99 6.48 16.45
C HIS A 54 5.76 6.75 15.14
N GLY A 55 6.88 6.06 14.97
CA GLY A 55 7.65 6.17 13.73
C GLY A 55 6.87 5.73 12.51
N ALA A 56 6.15 4.62 12.62
CA ALA A 56 5.34 4.13 11.51
C ALA A 56 4.23 5.12 11.19
N LYS A 57 3.68 5.75 12.23
CA LYS A 57 2.63 6.74 12.05
C LYS A 57 3.17 8.00 11.41
N MET A 58 4.33 8.47 11.86
CA MET A 58 4.98 9.63 11.24
C MET A 58 5.29 9.37 9.78
N ALA A 59 5.71 8.14 9.48
CA ALA A 59 6.04 7.78 8.11
C ALA A 59 4.83 7.90 7.19
N TRP A 60 3.66 7.49 7.68
CA TRP A 60 2.43 7.64 6.91
C TRP A 60 2.12 9.12 6.76
N ARG A 61 2.20 9.86 7.87
CA ARG A 61 1.94 11.30 7.86
C ARG A 61 2.82 12.04 6.84
N ASN A 62 4.00 11.51 6.58
CA ASN A 62 4.96 12.14 5.67
C ASN A 62 4.90 11.64 4.23
N SER A 63 3.98 10.73 3.93
CA SER A 63 3.90 10.11 2.60
C SER A 63 3.24 11.07 1.62
N ASN A 64 4.07 11.81 0.87
CA ASN A 64 3.60 12.89 0.01
C ASN A 64 2.53 12.49 -1.00
N ARG A 65 2.53 11.24 -1.44
CA ARG A 65 1.62 10.82 -2.52
C ARG A 65 0.27 10.31 -2.03
N CYS A 66 0.10 10.25 -0.71
CA CYS A 66 -1.08 9.63 -0.11
C CYS A 66 -2.15 10.64 0.31
N ILE A 67 -3.34 10.47 -0.28
CA ILE A 67 -4.48 11.34 -0.01
C ILE A 67 -5.18 10.97 1.31
N GLY A 68 -4.86 9.79 1.84
CA GLY A 68 -5.58 9.23 2.97
C GLY A 68 -4.99 9.57 4.34
N ARG A 69 -4.08 10.53 4.37
CA ARG A 69 -3.28 10.75 5.57
C ARG A 69 -3.98 11.33 6.80
N LEU A 70 -5.21 11.81 6.67
CA LEU A 70 -5.93 12.33 7.84
C LEU A 70 -5.86 11.37 9.03
N PHE A 71 -5.89 10.07 8.73
CA PHE A 71 -6.01 9.04 9.75
C PHE A 71 -4.67 8.44 10.25
N TRP A 72 -3.57 9.14 9.95
CA TRP A 72 -2.23 8.67 10.30
C TRP A 72 -2.07 8.21 11.77
N ASN A 73 -2.73 8.89 12.69
CA ASN A 73 -2.50 8.64 14.10
C ASN A 73 -3.26 7.44 14.63
N SER A 74 -4.14 6.87 13.81
CA SER A 74 -4.90 5.69 14.27
C SER A 74 -4.43 4.38 13.63
N LEU A 75 -3.29 4.44 12.93
CA LEU A 75 -2.64 3.25 12.38
C LEU A 75 -2.43 2.19 13.45
N ASN A 76 -2.81 0.95 13.16
CA ASN A 76 -2.59 -0.17 14.06
C ASN A 76 -1.24 -0.79 13.77
N VAL A 77 -0.31 -0.69 14.71
CA VAL A 77 1.07 -1.15 14.48
C VAL A 77 1.32 -2.48 15.20
N ILE A 78 1.65 -3.51 14.42
CA ILE A 78 1.96 -4.83 14.95
C ILE A 78 3.47 -5.06 14.90
N ASP A 79 4.08 -5.21 16.06
CA ASP A 79 5.53 -5.39 16.16
C ASP A 79 5.92 -6.88 16.03
N ARG A 80 6.43 -7.25 14.86
CA ARG A 80 6.89 -8.63 14.66
C ARG A 80 8.40 -8.74 14.43
N ARG A 81 9.15 -7.91 15.15
CA ARG A 81 10.61 -7.97 15.11
C ARG A 81 11.16 -9.24 15.75
N ASP A 82 10.27 -10.02 16.37
CA ASP A 82 10.66 -11.28 17.01
C ASP A 82 10.69 -12.49 16.07
N VAL A 83 10.22 -12.35 14.83
CA VAL A 83 10.18 -13.52 13.94
C VAL A 83 11.57 -13.98 13.51
N ARG A 84 11.75 -15.30 13.44
CA ARG A 84 13.03 -15.89 13.02
C ARG A 84 12.85 -16.98 11.96
N THR A 85 11.63 -17.48 11.79
CA THR A 85 11.39 -18.59 10.87
C THR A 85 10.39 -18.25 9.77
N LYS A 86 10.43 -19.00 8.68
CA LYS A 86 9.51 -18.72 7.58
C LYS A 86 8.08 -19.05 7.97
N GLU A 87 7.89 -20.04 8.84
CA GLU A 87 6.54 -20.32 9.34
C GLU A 87 5.98 -19.13 10.12
N GLU A 88 6.81 -18.53 10.98
CA GLU A 88 6.41 -17.33 11.70
C GLU A 88 6.09 -16.15 10.77
N VAL A 89 6.88 -15.97 9.72
CA VAL A 89 6.61 -14.90 8.75
C VAL A 89 5.26 -15.15 8.08
N ARG A 90 5.08 -16.36 7.56
CA ARG A 90 3.84 -16.73 6.89
C ARG A 90 2.63 -16.49 7.77
N ASP A 91 2.70 -16.97 9.01
CA ASP A 91 1.58 -16.83 9.91
C ASP A 91 1.32 -15.37 10.25
N ALA A 92 2.37 -14.58 10.37
CA ALA A 92 2.23 -13.14 10.61
C ALA A 92 1.53 -12.46 9.43
N LEU A 93 1.84 -12.90 8.22
CA LEU A 93 1.22 -12.31 7.03
C LEU A 93 -0.25 -12.72 6.92
N PHE A 94 -0.54 -14.00 7.20
CA PHE A 94 -1.92 -14.47 7.30
C PHE A 94 -2.69 -13.66 8.34
N HIS A 95 -2.09 -13.48 9.52
CA HIS A 95 -2.73 -12.70 10.57
C HIS A 95 -2.98 -11.27 10.15
N HIS A 96 -1.99 -10.65 9.50
CA HIS A 96 -2.17 -9.29 9.00
C HIS A 96 -3.42 -9.22 8.12
N ILE A 97 -3.53 -10.11 7.14
CA ILE A 97 -4.70 -10.12 6.27
C ILE A 97 -5.99 -10.24 7.07
N GLU A 98 -6.04 -11.16 8.03
CA GLU A 98 -7.24 -11.37 8.82
C GLU A 98 -7.63 -10.15 9.64
N THR A 99 -6.67 -9.56 10.36
CA THR A 99 -7.01 -8.48 11.28
C THR A 99 -7.24 -7.16 10.54
N ALA A 100 -6.55 -6.96 9.44
CA ALA A 100 -6.74 -5.76 8.63
C ALA A 100 -8.11 -5.81 7.96
N THR A 101 -8.49 -6.99 7.48
CA THR A 101 -9.77 -7.17 6.78
C THR A 101 -10.95 -6.96 7.73
N ASN A 102 -10.87 -7.58 8.90
CA ASN A 102 -11.85 -7.35 9.95
C ASN A 102 -13.28 -7.51 9.46
N ASN A 103 -13.53 -8.59 8.71
CA ASN A 103 -14.86 -8.89 8.17
C ASN A 103 -15.43 -7.81 7.26
N GLY A 104 -14.56 -6.97 6.73
CA GLY A 104 -14.99 -5.93 5.80
C GLY A 104 -14.78 -4.53 6.34
N LYS A 105 -14.81 -4.39 7.68
CA LYS A 105 -14.59 -3.07 8.27
C LYS A 105 -13.09 -2.86 8.46
N ILE A 106 -12.44 -2.47 7.36
CA ILE A 106 -10.99 -2.50 7.25
C ILE A 106 -10.29 -1.63 8.29
N ARG A 107 -9.25 -2.20 8.91
CA ARG A 107 -8.43 -1.49 9.89
C ARG A 107 -7.08 -1.21 9.28
N PRO A 108 -6.70 0.07 9.15
CA PRO A 108 -5.35 0.37 8.66
C PRO A 108 -4.31 -0.19 9.63
N THR A 109 -3.43 -1.04 9.09
CA THR A 109 -2.54 -1.86 9.90
C THR A 109 -1.18 -1.94 9.22
N ILE A 110 -0.13 -2.04 10.03
CA ILE A 110 1.20 -2.35 9.51
C ILE A 110 1.82 -3.43 10.40
N THR A 111 2.48 -4.41 9.78
CA THR A 111 3.21 -5.43 10.52
C THR A 111 4.67 -5.20 10.22
N ILE A 112 5.46 -5.01 11.27
CA ILE A 112 6.88 -4.67 11.09
C ILE A 112 7.79 -5.85 11.45
N PHE A 113 8.57 -6.29 10.47
CA PHE A 113 9.47 -7.43 10.64
C PHE A 113 10.88 -6.94 11.00
N PRO A 114 11.82 -7.85 11.34
CA PRO A 114 13.17 -7.38 11.69
C PRO A 114 13.79 -6.52 10.59
N PRO A 115 14.54 -5.47 10.97
CA PRO A 115 15.11 -4.56 9.97
C PRO A 115 16.40 -5.10 9.35
N GLU A 116 16.85 -4.46 8.28
CA GLU A 116 18.15 -4.80 7.69
C GLU A 116 19.24 -4.61 8.73
N GLU A 117 20.28 -5.42 8.66
CA GLU A 117 21.40 -5.25 9.58
C GLU A 117 22.56 -4.50 8.93
N LYS A 118 23.35 -5.18 8.11
CA LYS A 118 24.41 -4.51 7.36
C LYS A 118 23.90 -4.16 5.97
N GLY A 119 22.64 -3.75 5.88
CA GLY A 119 21.96 -3.67 4.60
C GLY A 119 21.53 -5.07 4.20
N GLU A 120 21.82 -6.02 5.07
CA GLU A 120 21.41 -7.41 4.88
C GLU A 120 20.00 -7.63 5.38
N LYS A 121 19.10 -8.01 4.48
CA LYS A 121 17.71 -8.25 4.83
C LYS A 121 17.57 -9.53 5.66
N GLN A 122 16.65 -9.50 6.63
CA GLN A 122 16.36 -10.68 7.44
C GLN A 122 15.22 -11.44 6.79
N VAL A 123 14.24 -10.69 6.30
CA VAL A 123 13.09 -11.20 5.58
C VAL A 123 12.90 -10.36 4.33
N GLU A 124 12.76 -10.99 3.17
CA GLU A 124 12.68 -10.29 1.88
C GLU A 124 11.36 -10.65 1.21
N ILE A 125 10.41 -9.73 1.18
CA ILE A 125 9.10 -10.03 0.62
C ILE A 125 9.09 -9.73 -0.88
N TRP A 126 8.67 -10.71 -1.69
CA TRP A 126 8.65 -10.53 -3.14
C TRP A 126 7.34 -9.92 -3.67
N ASN A 127 6.23 -10.20 -3.00
CA ASN A 127 4.93 -9.65 -3.41
C ASN A 127 4.92 -8.14 -3.44
N HIS A 128 4.23 -7.57 -4.44
CA HIS A 128 3.96 -6.12 -4.45
C HIS A 128 2.87 -5.81 -3.42
N GLN A 129 1.80 -6.59 -3.44
CA GLN A 129 0.79 -6.53 -2.39
C GLN A 129 0.52 -7.95 -1.91
N LEU A 130 0.10 -8.10 -0.66
CA LEU A 130 -0.12 -9.45 -0.12
C LEU A 130 -1.21 -10.18 -0.89
N ILE A 131 -2.23 -9.44 -1.35
CA ILE A 131 -3.30 -9.98 -2.18
C ILE A 131 -3.22 -9.27 -3.53
N ARG A 132 -3.00 -10.02 -4.60
CA ARG A 132 -2.85 -9.41 -5.92
C ARG A 132 -3.10 -10.52 -6.93
N TYR A 133 -3.58 -10.18 -8.13
CA TYR A 133 -3.86 -11.19 -9.16
C TYR A 133 -2.66 -11.44 -10.06
N ALA A 134 -2.51 -12.69 -10.48
CA ALA A 134 -1.46 -13.10 -11.39
C ALA A 134 -1.71 -12.55 -12.80
N GLY A 135 -0.65 -12.53 -13.61
CA GLY A 135 -0.75 -12.09 -14.99
C GLY A 135 0.09 -12.97 -15.90
N TYR A 136 -0.40 -13.19 -17.12
CA TYR A 136 0.25 -14.07 -18.07
C TYR A 136 0.23 -13.46 -19.46
N GLU A 137 1.31 -13.67 -20.19
CA GLU A 137 1.36 -13.28 -21.58
C GLU A 137 2.25 -14.28 -22.28
N SER A 138 1.73 -14.86 -23.36
CA SER A 138 2.50 -15.81 -24.14
C SER A 138 1.87 -15.91 -25.51
N ASP A 139 2.72 -16.15 -26.52
CA ASP A 139 2.35 -16.14 -27.94
C ASP A 139 1.09 -15.35 -28.36
N GLY A 140 0.89 -14.18 -27.73
CA GLY A 140 -0.21 -13.31 -28.09
C GLY A 140 -1.34 -13.23 -27.09
N GLU A 141 -1.51 -14.29 -26.28
CA GLU A 141 -2.63 -14.36 -25.34
C GLU A 141 -2.29 -13.72 -24.01
N ARG A 142 -3.14 -12.78 -23.58
CA ARG A 142 -2.96 -12.09 -22.31
C ARG A 142 -4.08 -12.46 -21.35
N ILE A 143 -3.68 -12.88 -20.16
CA ILE A 143 -4.59 -13.31 -19.12
C ILE A 143 -4.25 -12.62 -17.81
N GLY A 144 -5.26 -12.16 -17.09
CA GLY A 144 -5.02 -11.61 -15.76
C GLY A 144 -4.49 -10.19 -15.78
N ASP A 145 -3.71 -9.87 -14.75
CA ASP A 145 -3.20 -8.52 -14.52
C ASP A 145 -1.80 -8.38 -15.09
N PRO A 146 -1.67 -7.64 -16.21
CA PRO A 146 -0.35 -7.47 -16.83
C PRO A 146 0.73 -6.97 -15.85
N ALA A 147 0.35 -6.18 -14.85
CA ALA A 147 1.35 -5.64 -13.93
C ALA A 147 2.00 -6.74 -13.08
N SER A 148 1.38 -7.92 -13.04
CA SER A 148 1.92 -9.03 -12.25
C SER A 148 2.68 -10.04 -13.07
N CYS A 149 2.91 -9.74 -14.35
CA CYS A 149 3.54 -10.73 -15.22
C CYS A 149 4.91 -11.20 -14.75
N SER A 150 5.78 -10.26 -14.34
CA SER A 150 7.14 -10.66 -13.98
C SER A 150 7.16 -11.46 -12.69
N LEU A 151 6.37 -11.06 -11.70
CA LEU A 151 6.30 -11.81 -10.45
C LEU A 151 5.66 -13.18 -10.66
N THR A 152 4.63 -13.22 -11.49
CA THR A 152 3.96 -14.48 -11.83
C THR A 152 4.95 -15.45 -12.46
N ALA A 153 5.74 -14.95 -13.40
CA ALA A 153 6.76 -15.80 -14.03
C ALA A 153 7.80 -16.29 -13.01
N ALA A 154 8.20 -15.42 -12.09
CA ALA A 154 9.17 -15.80 -11.07
C ALA A 154 8.59 -16.90 -10.20
N CYS A 155 7.32 -16.76 -9.85
CA CYS A 155 6.66 -17.75 -9.02
CA CYS A 155 6.61 -17.74 -9.02
C CYS A 155 6.57 -19.10 -9.72
N GLU A 156 6.32 -19.07 -11.03
CA GLU A 156 6.27 -20.32 -11.75
C GLU A 156 7.65 -20.93 -11.96
N GLU A 157 8.69 -20.22 -11.54
CA GLU A 157 10.04 -20.83 -11.48
C GLU A 157 10.28 -21.58 -10.17
N LEU A 158 9.38 -21.40 -9.21
CA LEU A 158 9.53 -21.93 -7.86
C LEU A 158 8.62 -23.13 -7.63
N GLY A 159 7.99 -23.63 -8.69
CA GLY A 159 7.18 -24.83 -8.58
C GLY A 159 5.69 -24.58 -8.45
N TRP A 160 5.31 -23.31 -8.44
CA TRP A 160 3.90 -22.92 -8.41
C TRP A 160 3.36 -22.91 -9.84
N ARG A 161 2.06 -23.10 -9.97
CA ARG A 161 1.38 -23.04 -11.27
C ARG A 161 0.04 -22.33 -11.11
N GLY A 162 -0.20 -21.31 -11.93
CA GLY A 162 -1.47 -20.59 -11.89
C GLY A 162 -2.52 -21.27 -12.76
N GLU A 163 -3.79 -21.15 -12.34
CA GLU A 163 -4.91 -21.71 -13.09
C GLU A 163 -5.19 -20.96 -14.39
N ARG A 164 -4.65 -19.74 -14.49
CA ARG A 164 -4.83 -18.93 -15.70
C ARG A 164 -6.27 -18.46 -15.91
N THR A 165 -6.95 -18.15 -14.80
CA THR A 165 -8.14 -17.30 -14.85
C THR A 165 -7.63 -15.87 -14.86
N ASP A 166 -8.53 -14.91 -15.01
CA ASP A 166 -8.16 -13.49 -15.00
C ASP A 166 -7.92 -12.97 -13.59
N PHE A 167 -8.24 -13.80 -12.59
CA PHE A 167 -8.14 -13.39 -11.20
C PHE A 167 -7.51 -14.48 -10.32
N ASP A 168 -6.39 -15.06 -10.75
CA ASP A 168 -5.67 -16.02 -9.90
C ASP A 168 -5.03 -15.27 -8.74
N LEU A 169 -5.23 -15.74 -7.51
CA LEU A 169 -4.51 -15.14 -6.40
C LEU A 169 -3.08 -15.63 -6.38
N LEU A 170 -2.13 -14.70 -6.43
CA LEU A 170 -0.72 -15.05 -6.26
C LEU A 170 -0.51 -15.58 -4.83
N PRO A 171 0.44 -16.52 -4.68
CA PRO A 171 0.76 -16.98 -3.34
C PRO A 171 1.67 -15.96 -2.66
N LEU A 172 1.77 -16.02 -1.34
CA LEU A 172 2.78 -15.23 -0.64
C LEU A 172 4.14 -15.78 -1.08
N ILE A 173 5.09 -14.90 -1.34
CA ILE A 173 6.45 -15.31 -1.73
C ILE A 173 7.42 -14.46 -0.97
N PHE A 174 8.31 -15.08 -0.21
CA PHE A 174 9.33 -14.33 0.52
C PHE A 174 10.55 -15.20 0.77
N ARG A 175 11.68 -14.55 1.02
CA ARG A 175 12.93 -15.26 1.25
C ARG A 175 13.48 -14.90 2.62
N MET A 176 13.99 -15.90 3.32
CA MET A 176 14.64 -15.70 4.62
C MET A 176 16.14 -15.51 4.43
N LYS A 177 16.75 -14.69 5.28
CA LYS A 177 18.21 -14.56 5.30
C LYS A 177 18.84 -15.94 5.42
N GLY A 178 19.80 -16.23 4.55
CA GLY A 178 20.50 -17.51 4.64
C GLY A 178 19.95 -18.57 3.71
N ASP A 179 18.76 -18.33 3.18
CA ASP A 179 18.16 -19.19 2.15
C ASP A 179 18.48 -18.61 0.79
N GLU A 180 18.71 -19.48 -0.19
CA GLU A 180 19.04 -19.02 -1.53
C GLU A 180 17.79 -18.71 -2.37
N GLN A 181 16.70 -19.41 -2.08
CA GLN A 181 15.45 -19.20 -2.82
C GLN A 181 14.31 -18.81 -1.90
N PRO A 182 13.36 -18.00 -2.40
CA PRO A 182 12.18 -17.70 -1.60
C PRO A 182 11.31 -18.95 -1.45
N VAL A 183 10.42 -18.95 -0.48
CA VAL A 183 9.39 -19.98 -0.38
C VAL A 183 8.06 -19.35 -0.80
N TRP A 184 7.10 -20.17 -1.20
CA TRP A 184 5.76 -19.64 -1.47
C TRP A 184 4.67 -20.43 -0.74
N TYR A 185 3.60 -19.72 -0.40
CA TYR A 185 2.45 -20.33 0.27
C TYR A 185 1.17 -19.82 -0.36
N GLU A 186 0.29 -20.73 -0.74
CA GLU A 186 -1.01 -20.38 -1.30
C GLU A 186 -1.84 -19.67 -0.22
N LEU A 187 -2.56 -18.61 -0.58
CA LEU A 187 -3.42 -17.90 0.36
C LEU A 187 -4.67 -18.70 0.70
N PRO A 188 -4.96 -18.87 2.00
CA PRO A 188 -6.25 -19.49 2.36
C PRO A 188 -7.39 -18.62 1.85
N ARG A 189 -8.28 -19.18 1.03
CA ARG A 189 -9.31 -18.36 0.40
C ARG A 189 -10.28 -17.74 1.42
N SER A 190 -10.42 -18.40 2.58
CA SER A 190 -11.29 -17.89 3.65
C SER A 190 -10.78 -16.56 4.22
N LEU A 191 -9.50 -16.26 4.01
CA LEU A 191 -8.91 -15.02 4.48
C LEU A 191 -9.11 -13.86 3.50
N VAL A 192 -9.44 -14.19 2.25
CA VAL A 192 -9.45 -13.18 1.18
C VAL A 192 -10.84 -12.73 0.75
N ILE A 193 -11.23 -11.51 1.12
CA ILE A 193 -12.51 -10.97 0.66
C ILE A 193 -12.37 -10.41 -0.75
N GLU A 194 -13.29 -10.77 -1.63
CA GLU A 194 -13.35 -10.18 -2.96
C GLU A 194 -14.74 -9.64 -3.17
N VAL A 195 -14.85 -8.65 -4.04
CA VAL A 195 -16.11 -7.97 -4.30
C VAL A 195 -16.47 -8.08 -5.79
N PRO A 196 -17.60 -8.74 -6.10
CA PRO A 196 -18.03 -8.76 -7.50
C PRO A 196 -18.55 -7.39 -7.87
N ILE A 197 -18.25 -6.92 -9.08
CA ILE A 197 -18.63 -5.58 -9.47
C ILE A 197 -19.99 -5.61 -10.16
N THR A 198 -20.97 -4.96 -9.53
CA THR A 198 -22.27 -4.74 -10.16
C THR A 198 -22.59 -3.25 -10.18
N HIS A 199 -23.61 -2.86 -10.93
CA HIS A 199 -23.98 -1.45 -11.07
C HIS A 199 -25.33 -1.24 -10.42
N PRO A 200 -25.54 -0.09 -9.76
CA PRO A 200 -26.79 0.16 -9.05
C PRO A 200 -28.03 0.14 -9.95
N ASP A 201 -27.88 0.49 -11.22
CA ASP A 201 -29.02 0.68 -12.14
C ASP A 201 -28.97 -0.24 -13.36
N ILE A 202 -27.77 -0.65 -13.75
CA ILE A 202 -27.59 -1.36 -15.01
C ILE A 202 -27.34 -2.85 -14.75
N GLU A 203 -28.35 -3.67 -15.00
CA GLU A 203 -28.32 -5.07 -14.63
C GLU A 203 -27.25 -5.82 -15.42
N ALA A 204 -27.04 -5.40 -16.66
CA ALA A 204 -26.11 -6.08 -17.54
C ALA A 204 -24.65 -5.95 -17.09
N PHE A 205 -24.37 -5.06 -16.14
CA PHE A 205 -22.98 -4.81 -15.75
C PHE A 205 -22.33 -6.09 -15.24
N SER A 206 -23.13 -6.97 -14.63
CA SER A 206 -22.60 -8.21 -14.08
C SER A 206 -22.11 -9.17 -15.17
N ASP A 207 -22.53 -8.91 -16.41
CA ASP A 207 -22.09 -9.74 -17.55
C ASP A 207 -20.59 -9.65 -17.78
N LEU A 208 -19.99 -8.55 -17.33
CA LEU A 208 -18.55 -8.35 -17.47
C LEU A 208 -17.77 -9.25 -16.53
N GLU A 209 -18.44 -9.79 -15.52
CA GLU A 209 -17.84 -10.69 -14.54
C GLU A 209 -16.56 -10.11 -13.94
N LEU A 210 -16.61 -8.83 -13.58
CA LEU A 210 -15.48 -8.16 -12.95
C LEU A 210 -15.55 -8.36 -11.44
N LYS A 211 -14.38 -8.40 -10.80
CA LYS A 211 -14.30 -8.37 -9.35
C LYS A 211 -12.99 -7.73 -8.98
N TRP A 212 -12.82 -7.35 -7.71
CA TRP A 212 -11.54 -6.91 -7.21
C TRP A 212 -11.41 -7.39 -5.76
N TYR A 213 -10.19 -7.36 -5.21
CA TYR A 213 -10.01 -7.82 -3.84
C TYR A 213 -10.26 -6.67 -2.88
N GLY A 214 -10.65 -7.00 -1.65
CA GLY A 214 -11.10 -5.98 -0.70
C GLY A 214 -10.02 -5.06 -0.16
N VAL A 215 -8.84 -5.59 0.10
CA VAL A 215 -7.85 -4.88 0.91
C VAL A 215 -6.52 -4.73 0.21
N PRO A 216 -6.10 -3.48 -0.07
CA PRO A 216 -4.77 -3.26 -0.67
C PRO A 216 -3.71 -3.30 0.44
N ILE A 217 -2.79 -4.26 0.36
CA ILE A 217 -1.77 -4.42 1.40
C ILE A 217 -0.38 -4.32 0.77
N ILE A 218 0.19 -3.12 0.74
CA ILE A 218 1.49 -2.88 0.10
C ILE A 218 2.59 -3.58 0.87
N SER A 219 3.33 -4.47 0.19
CA SER A 219 4.29 -5.30 0.88
C SER A 219 5.71 -5.22 0.31
N ASP A 220 5.98 -4.22 -0.52
CA ASP A 220 7.29 -4.12 -1.13
C ASP A 220 7.99 -2.78 -0.89
N MET A 221 7.48 -1.99 0.06
CA MET A 221 8.14 -0.72 0.37
C MET A 221 8.92 -0.81 1.68
N LYS A 222 9.94 0.03 1.79
CA LYS A 222 10.76 0.10 2.98
C LYS A 222 10.30 1.22 3.91
N LEU A 223 10.05 0.86 5.17
CA LEU A 223 9.79 1.85 6.21
C LEU A 223 11.11 2.27 6.82
N GLU A 224 11.42 3.55 6.76
CA GLU A 224 12.66 4.06 7.37
C GLU A 224 12.33 4.91 8.59
N VAL A 225 12.85 4.52 9.75
CA VAL A 225 12.62 5.24 10.99
C VAL A 225 13.94 5.45 11.74
N GLY A 226 14.33 6.72 11.88
CA GLY A 226 15.54 7.07 12.62
C GLY A 226 16.77 6.32 12.16
N GLY A 227 16.92 6.17 10.84
CA GLY A 227 18.09 5.51 10.30
C GLY A 227 18.02 3.98 10.25
N ILE A 228 16.94 3.42 10.78
CA ILE A 228 16.76 1.97 10.75
C ILE A 228 15.90 1.63 9.53
N HIS A 229 16.33 0.64 8.75
CA HIS A 229 15.66 0.29 7.51
C HIS A 229 14.81 -0.96 7.64
N TYR A 230 13.50 -0.78 7.80
CA TYR A 230 12.57 -1.91 7.86
C TYR A 230 12.07 -2.23 6.45
N ASN A 231 12.84 -3.02 5.72
CA ASN A 231 12.51 -3.32 4.32
C ASN A 231 11.27 -4.17 4.21
N ALA A 232 10.97 -4.92 5.27
CA ALA A 232 9.79 -5.78 5.30
C ALA A 232 8.81 -5.26 6.36
N ALA A 233 7.78 -4.57 5.89
CA ALA A 233 6.83 -3.92 6.77
C ALA A 233 5.52 -3.65 6.03
N PRO A 234 4.76 -4.71 5.73
CA PRO A 234 3.56 -4.50 4.91
C PRO A 234 2.49 -3.66 5.61
N PHE A 235 1.83 -2.80 4.85
CA PHE A 235 0.80 -1.92 5.43
C PHE A 235 -0.43 -1.86 4.53
N ASN A 236 -1.60 -1.59 5.13
CA ASN A 236 -2.83 -1.54 4.34
C ASN A 236 -3.73 -0.40 4.80
N GLY A 237 -4.63 -0.03 3.91
CA GLY A 237 -5.72 0.87 4.25
C GLY A 237 -6.94 0.28 3.59
N TRP A 238 -7.95 1.12 3.34
CA TRP A 238 -9.03 0.76 2.43
C TRP A 238 -8.77 1.47 1.11
N TYR A 239 -9.43 1.00 0.06
CA TYR A 239 -9.28 1.59 -1.28
C TYR A 239 -9.98 2.92 -1.42
N MET A 240 -9.41 3.79 -2.25
CA MET A 240 -10.19 4.87 -2.85
C MET A 240 -10.71 4.30 -4.15
N GLY A 241 -11.99 4.53 -4.45
CA GLY A 241 -12.63 3.82 -5.55
C GLY A 241 -11.93 3.97 -6.89
N THR A 242 -11.41 5.16 -7.16
CA THR A 242 -10.72 5.43 -8.44
C THR A 242 -9.51 4.52 -8.67
N GLU A 243 -8.87 4.04 -7.60
CA GLU A 243 -7.71 3.17 -7.79
C GLU A 243 -8.15 1.93 -8.53
N ILE A 244 -9.37 1.49 -8.24
CA ILE A 244 -9.89 0.28 -8.86
C ILE A 244 -10.56 0.60 -10.18
N GLY A 245 -11.48 1.56 -10.17
CA GLY A 245 -12.29 1.82 -11.33
C GLY A 245 -11.67 2.67 -12.42
N ALA A 246 -10.69 3.51 -12.06
CA ALA A 246 -10.10 4.41 -13.04
C ALA A 246 -8.73 3.95 -13.50
N ARG A 247 -8.16 2.97 -12.79
CA ARG A 247 -6.79 2.56 -13.05
C ARG A 247 -6.65 1.05 -13.18
N ASN A 248 -6.92 0.31 -12.11
CA ASN A 248 -6.72 -1.14 -12.16
C ASN A 248 -7.58 -1.82 -13.22
N LEU A 249 -8.83 -1.39 -13.33
CA LEU A 249 -9.74 -2.01 -14.28
C LEU A 249 -9.77 -1.29 -15.62
N ALA A 250 -9.26 -0.06 -15.66
CA ALA A 250 -9.40 0.81 -16.84
C ALA A 250 -8.16 1.01 -17.70
N ASP A 251 -6.98 1.03 -17.07
CA ASP A 251 -5.75 1.26 -17.82
C ASP A 251 -5.59 0.25 -18.95
N GLU A 252 -5.17 0.74 -20.11
CA GLU A 252 -4.91 -0.15 -21.25
C GLU A 252 -3.86 -1.22 -20.92
N LYS A 253 -2.92 -0.87 -20.05
CA LYS A 253 -1.88 -1.83 -19.65
C LYS A 253 -2.25 -2.59 -18.38
N ARG A 254 -3.49 -2.42 -17.92
CA ARG A 254 -4.03 -3.26 -16.85
C ARG A 254 -5.18 -4.10 -17.41
N TYR A 255 -6.34 -4.07 -16.77
CA TYR A 255 -7.45 -4.90 -17.25
C TYR A 255 -8.18 -4.34 -18.48
N ASP A 256 -7.99 -3.05 -18.78
CA ASP A 256 -8.40 -2.49 -20.08
C ASP A 256 -9.88 -2.73 -20.41
N LYS A 257 -10.77 -2.41 -19.47
CA LYS A 257 -12.17 -2.77 -19.61
C LYS A 257 -13.11 -1.70 -20.18
N LEU A 258 -12.60 -0.53 -20.53
CA LEU A 258 -13.51 0.56 -20.92
C LEU A 258 -14.41 0.27 -22.14
N LYS A 259 -13.89 -0.40 -23.15
CA LYS A 259 -14.70 -0.74 -24.33
C LYS A 259 -15.83 -1.69 -23.95
N LYS A 260 -15.53 -2.69 -23.13
CA LYS A 260 -16.55 -3.61 -22.65
C LYS A 260 -17.57 -2.91 -21.75
N VAL A 261 -17.10 -1.98 -20.94
CA VAL A 261 -18.01 -1.18 -20.11
C VAL A 261 -18.95 -0.36 -21.01
N ALA A 262 -18.39 0.29 -22.01
CA ALA A 262 -19.22 1.09 -22.93
C ALA A 262 -20.32 0.22 -23.53
N SER A 263 -19.97 -0.98 -23.96
CA SER A 263 -20.95 -1.88 -24.55
C SER A 263 -22.10 -2.24 -23.59
N VAL A 264 -21.77 -2.64 -22.37
CA VAL A 264 -22.83 -3.05 -21.43
C VAL A 264 -23.67 -1.90 -20.92
N ILE A 265 -23.12 -0.68 -20.92
CA ILE A 265 -23.95 0.47 -20.53
C ILE A 265 -24.70 1.05 -21.73
N GLY A 266 -24.53 0.43 -22.90
CA GLY A 266 -25.33 0.78 -24.06
C GLY A 266 -24.93 2.05 -24.80
N ILE A 267 -23.66 2.43 -24.75
CA ILE A 267 -23.21 3.56 -25.56
C ILE A 267 -22.17 3.13 -26.58
N ALA A 268 -22.11 3.88 -27.69
CA ALA A 268 -21.16 3.58 -28.74
C ALA A 268 -19.75 3.96 -28.29
N ALA A 269 -18.75 3.23 -28.78
CA ALA A 269 -17.36 3.52 -28.45
C ALA A 269 -16.59 3.84 -29.72
N ASP A 270 -17.19 4.72 -30.53
CA ASP A 270 -16.73 4.99 -31.88
C ASP A 270 -16.08 6.38 -32.06
N TYR A 271 -16.56 7.38 -31.33
CA TYR A 271 -16.14 8.77 -31.57
C TYR A 271 -15.60 9.44 -30.31
N ASN A 272 -14.42 10.03 -30.41
CA ASN A 272 -13.79 10.70 -29.28
C ASN A 272 -14.71 11.78 -28.72
N THR A 273 -15.38 12.50 -29.63
CA THR A 273 -16.25 13.62 -29.23
C THR A 273 -17.49 13.18 -28.45
N ASP A 274 -17.80 11.89 -28.45
CA ASP A 274 -18.92 11.39 -27.64
C ASP A 274 -18.54 11.25 -26.16
N LEU A 275 -17.24 11.40 -25.87
CA LEU A 275 -16.71 11.21 -24.52
C LEU A 275 -17.15 9.87 -23.91
N TRP A 276 -17.11 8.82 -24.72
CA TRP A 276 -17.55 7.51 -24.26
C TRP A 276 -16.60 6.93 -23.22
N LYS A 277 -15.30 7.24 -23.33
CA LYS A 277 -14.37 6.74 -22.32
C LYS A 277 -14.66 7.40 -20.99
N ASP A 278 -14.96 8.69 -21.03
CA ASP A 278 -15.25 9.43 -19.80
C ASP A 278 -16.53 8.92 -19.14
N GLN A 279 -17.55 8.67 -19.96
CA GLN A 279 -18.82 8.15 -19.46
C GLN A 279 -18.67 6.73 -18.89
N ALA A 280 -17.97 5.89 -19.62
CA ALA A 280 -17.67 4.54 -19.16
C ALA A 280 -16.90 4.57 -17.84
N LEU A 281 -15.92 5.46 -17.74
CA LEU A 281 -15.17 5.62 -16.49
C LEU A 281 -16.06 6.00 -15.33
N VAL A 282 -16.98 6.94 -15.55
CA VAL A 282 -17.86 7.33 -14.46
C VAL A 282 -18.74 6.16 -14.04
N GLU A 283 -19.33 5.43 -14.98
CA GLU A 283 -20.20 4.32 -14.60
C GLU A 283 -19.44 3.18 -13.94
N LEU A 284 -18.25 2.86 -14.45
CA LEU A 284 -17.43 1.84 -13.80
C LEU A 284 -17.05 2.23 -12.37
N ASN A 285 -16.75 3.51 -12.18
CA ASN A 285 -16.41 3.98 -10.83
C ASN A 285 -17.59 4.01 -9.86
N LYS A 286 -18.78 4.31 -10.40
CA LYS A 286 -20.00 4.23 -9.61
C LYS A 286 -20.24 2.78 -9.19
N ALA A 287 -20.01 1.86 -10.13
CA ALA A 287 -20.26 0.44 -9.85
C ALA A 287 -19.31 -0.06 -8.77
N VAL A 288 -18.04 0.33 -8.84
CA VAL A 288 -17.07 -0.06 -7.83
C VAL A 288 -17.50 0.38 -6.43
N LEU A 289 -17.87 1.65 -6.30
CA LEU A 289 -18.29 2.14 -4.99
C LEU A 289 -19.56 1.43 -4.50
N HIS A 290 -20.52 1.26 -5.39
CA HIS A 290 -21.77 0.61 -5.07
C HIS A 290 -21.54 -0.81 -4.57
N SER A 291 -20.63 -1.51 -5.24
CA SER A 291 -20.41 -2.91 -4.97
C SER A 291 -19.72 -3.13 -3.64
N TYR A 292 -18.70 -2.32 -3.35
CA TYR A 292 -18.01 -2.42 -2.06
C TYR A 292 -18.96 -2.07 -0.91
N LYS A 293 -19.76 -1.02 -1.11
CA LYS A 293 -20.74 -0.64 -0.10
C LYS A 293 -21.74 -1.76 0.15
N LYS A 294 -22.27 -2.33 -0.93
CA LYS A 294 -23.27 -3.39 -0.82
C LYS A 294 -22.72 -4.60 -0.06
N GLN A 295 -21.45 -4.90 -0.26
CA GLN A 295 -20.84 -6.07 0.38
C GLN A 295 -20.33 -5.78 1.80
N GLY A 296 -20.38 -4.52 2.23
CA GLY A 296 -19.93 -4.21 3.57
C GLY A 296 -18.41 -4.20 3.69
N VAL A 297 -17.74 -3.83 2.60
CA VAL A 297 -16.30 -3.67 2.59
C VAL A 297 -15.97 -2.19 2.50
N SER A 298 -15.11 -1.72 3.40
CA SER A 298 -14.76 -0.29 3.43
C SER A 298 -14.18 0.20 2.11
N ILE A 299 -14.53 1.43 1.74
CA ILE A 299 -14.03 2.09 0.56
C ILE A 299 -14.32 3.58 0.72
N VAL A 300 -13.56 4.42 0.04
CA VAL A 300 -13.86 5.86 0.06
C VAL A 300 -13.91 6.38 -1.37
N ASP A 301 -14.81 7.31 -1.64
CA ASP A 301 -14.84 7.94 -2.95
C ASP A 301 -13.86 9.12 -2.94
N HIS A 302 -13.47 9.58 -4.13
CA HIS A 302 -12.42 10.59 -4.24
C HIS A 302 -12.85 11.97 -3.72
N HIS A 303 -14.14 12.25 -3.73
CA HIS A 303 -14.62 13.53 -3.20
C HIS A 303 -14.49 13.55 -1.68
N THR A 304 -14.95 12.49 -1.03
CA THR A 304 -14.86 12.38 0.41
C THR A 304 -13.41 12.32 0.84
N ALA A 305 -12.61 11.57 0.08
CA ALA A 305 -11.18 11.45 0.37
C ALA A 305 -10.46 12.79 0.30
N ALA A 306 -10.76 13.59 -0.73
CA ALA A 306 -10.21 14.93 -0.84
C ALA A 306 -10.65 15.83 0.31
N SER A 307 -11.91 15.70 0.72
CA SER A 307 -12.42 16.48 1.86
C SER A 307 -11.69 16.12 3.15
N GLN A 308 -11.41 14.85 3.34
CA GLN A 308 -10.63 14.41 4.49
C GLN A 308 -9.21 14.95 4.39
N PHE A 309 -8.64 14.94 3.18
CA PHE A 309 -7.29 15.46 3.00
C PHE A 309 -7.21 16.95 3.34
N LYS A 310 -8.27 17.70 3.01
CA LYS A 310 -8.34 19.11 3.36
C LYS A 310 -8.23 19.26 4.87
N ARG A 311 -8.93 18.39 5.59
CA ARG A 311 -8.87 18.41 7.05
C ARG A 311 -7.46 18.07 7.54
N PHE A 312 -6.79 17.16 6.83
CA PHE A 312 -5.40 16.84 7.15
C PHE A 312 -4.51 18.08 7.00
N GLU A 313 -4.70 18.84 5.92
CA GLU A 313 -3.97 20.10 5.73
C GLU A 313 -4.22 21.06 6.87
N GLU A 314 -5.48 21.19 7.28
CA GLU A 314 -5.85 22.10 8.35
C GLU A 314 -5.22 21.67 9.67
N GLN A 315 -5.20 20.37 9.91
CA GLN A 315 -4.66 19.84 11.16
C GLN A 315 -3.14 20.04 11.21
N ALA A 316 -2.47 19.89 10.07
CA ALA A 316 -1.04 20.17 9.99
C ALA A 316 -0.75 21.62 10.38
N GLU A 317 -1.50 22.54 9.79
CA GLU A 317 -1.32 23.95 10.11
C GLU A 317 -1.58 24.25 11.59
N GLU A 318 -2.63 23.66 12.15
CA GLU A 318 -2.97 23.88 13.56
C GLU A 318 -1.88 23.34 14.50
N ALA A 319 -1.25 22.24 14.09
CA ALA A 319 -0.19 21.62 14.90
C ALA A 319 1.17 22.28 14.68
N GLY A 320 1.24 23.20 13.72
CA GLY A 320 2.47 23.89 13.42
C GLY A 320 3.46 23.05 12.63
N ARG A 321 2.95 22.03 11.94
CA ARG A 321 3.76 21.18 11.08
C ARG A 321 3.69 21.62 9.63
N LYS A 322 4.83 21.69 8.96
CA LYS A 322 4.84 21.90 7.53
C LYS A 322 4.12 20.75 6.83
N LEU A 323 3.39 21.09 5.77
CA LEU A 323 2.72 20.09 4.96
C LEU A 323 3.53 19.79 3.72
N THR A 324 3.71 18.51 3.41
CA THR A 324 4.32 18.14 2.14
C THR A 324 3.38 17.27 1.33
N GLY A 325 3.46 17.38 0.00
CA GLY A 325 2.60 16.60 -0.85
C GLY A 325 3.08 16.58 -2.30
N ASP A 326 2.69 15.54 -3.01
CA ASP A 326 2.97 15.42 -4.44
C ASP A 326 1.67 15.63 -5.21
N TRP A 327 1.49 16.85 -5.71
CA TRP A 327 0.26 17.23 -6.41
C TRP A 327 -0.10 16.23 -7.49
N THR A 328 0.89 15.76 -8.25
CA THR A 328 0.64 14.88 -9.38
C THR A 328 0.07 13.52 -8.98
N TRP A 329 0.29 13.11 -7.73
CA TRP A 329 -0.28 11.87 -7.21
C TRP A 329 -1.52 12.08 -6.36
N LEU A 330 -1.64 13.25 -5.73
CA LEU A 330 -2.78 13.53 -4.85
C LEU A 330 -4.08 13.76 -5.62
N ILE A 331 -3.99 14.42 -6.79
CA ILE A 331 -5.20 14.60 -7.60
C ILE A 331 -5.77 13.24 -8.03
N PRO A 332 -7.08 13.06 -7.87
CA PRO A 332 -7.70 11.82 -8.35
C PRO A 332 -7.73 11.80 -9.89
N PRO A 333 -7.70 10.60 -10.48
CA PRO A 333 -7.64 10.44 -11.94
C PRO A 333 -9.01 10.64 -12.58
N ILE A 334 -10.01 10.92 -11.76
CA ILE A 334 -11.30 11.27 -12.33
C ILE A 334 -11.83 12.57 -11.69
N SER A 335 -12.34 13.47 -12.53
CA SER A 335 -12.75 14.83 -12.10
C SER A 335 -11.79 15.52 -11.13
N PRO A 336 -10.48 15.57 -11.44
CA PRO A 336 -9.55 16.17 -10.46
C PRO A 336 -9.87 17.62 -10.10
N ALA A 337 -10.38 18.39 -11.05
CA ALA A 337 -10.62 19.81 -10.81
C ALA A 337 -11.86 20.04 -9.95
N ALA A 338 -12.59 18.97 -9.66
CA ALA A 338 -13.71 19.04 -8.73
C ALA A 338 -13.25 18.93 -7.28
N THR A 339 -11.94 18.74 -7.08
CA THR A 339 -11.39 18.66 -5.73
C THR A 339 -10.55 19.89 -5.43
N HIS A 340 -10.44 20.25 -4.15
CA HIS A 340 -9.66 21.42 -3.79
C HIS A 340 -8.17 21.22 -4.09
N ILE A 341 -7.74 19.96 -4.13
CA ILE A 341 -6.34 19.60 -4.34
C ILE A 341 -5.84 20.18 -5.65
N PHE A 342 -6.65 20.06 -6.69
CA PHE A 342 -6.29 20.54 -8.02
C PHE A 342 -5.91 22.03 -8.02
N HIS A 343 -6.57 22.80 -7.16
CA HIS A 343 -6.48 24.26 -7.21
C HIS A 343 -5.47 24.87 -6.25
N ARG A 344 -4.67 24.03 -5.58
CA ARG A 344 -3.56 24.57 -4.80
C ARG A 344 -2.27 23.85 -5.15
N SER A 345 -1.17 24.26 -4.55
N SER A 345 -1.15 24.27 -4.57
CA SER A 345 0.13 23.62 -4.78
CA SER A 345 0.11 23.58 -4.80
C SER A 345 0.64 22.97 -3.50
C SER A 345 0.65 22.98 -3.51
N TYR A 346 1.59 22.05 -3.66
CA TYR A 346 2.16 21.36 -2.51
C TYR A 346 3.69 21.27 -2.62
N ASP A 347 4.36 21.46 -1.48
CA ASP A 347 5.80 21.29 -1.36
C ASP A 347 6.13 19.80 -1.35
N ASN A 348 6.82 19.31 -2.38
CA ASN A 348 7.11 17.88 -2.48
C ASN A 348 8.40 17.43 -1.78
N SER A 349 8.80 18.15 -0.74
CA SER A 349 10.01 17.79 0.01
C SER A 349 9.86 16.45 0.72
N ILE A 350 10.97 15.71 0.82
CA ILE A 350 10.97 14.43 1.52
C ILE A 350 11.32 14.62 2.99
N VAL A 351 10.41 14.19 3.87
CA VAL A 351 10.62 14.23 5.32
C VAL A 351 10.61 12.80 5.83
N LYS A 352 11.51 12.48 6.77
CA LYS A 352 11.54 11.16 7.38
C LYS A 352 11.06 11.24 8.83
N PRO A 353 10.52 10.12 9.37
CA PRO A 353 10.29 8.79 8.81
C PRO A 353 9.40 8.79 7.57
N ASN A 354 9.55 7.77 6.72
CA ASN A 354 8.76 7.71 5.49
C ASN A 354 8.82 6.29 4.92
N TYR A 355 8.00 6.05 3.89
CA TYR A 355 7.99 4.79 3.14
C TYR A 355 8.63 5.02 1.77
N PHE A 356 9.54 4.12 1.39
CA PHE A 356 10.31 4.31 0.15
C PHE A 356 10.25 3.08 -0.76
N TYR A 357 10.37 3.31 -2.06
CA TYR A 357 10.57 2.20 -3.00
C TYR A 357 11.91 1.53 -2.72
N GLN A 358 12.02 0.26 -3.06
CA GLN A 358 13.30 -0.43 -3.01
C GLN A 358 13.40 -1.37 -4.20
N ASP A 359 14.62 -1.76 -4.56
CA ASP A 359 14.82 -2.62 -5.71
C ASP A 359 14.14 -3.96 -5.51
N LYS A 360 13.56 -4.50 -6.58
CA LYS A 360 12.93 -5.81 -6.51
C LYS A 360 14.00 -6.91 -6.48
N PRO A 361 13.70 -8.01 -5.77
CA PRO A 361 14.66 -9.12 -5.64
C PRO A 361 14.62 -10.09 -6.82
N TYR A 362 13.72 -9.87 -7.77
CA TYR A 362 13.62 -10.72 -8.94
C TYR A 362 13.63 -9.81 -10.18
N GLU A 363 13.65 -10.43 -11.36
CA GLU A 363 13.67 -9.72 -12.64
C GLU A 363 15.01 -9.02 -12.88
CHA HEM B . -0.50 6.16 -1.90
CHB HEM B . -5.13 6.29 -0.46
CHC HEM B . -3.80 4.42 3.83
CHD HEM B . 0.86 5.07 2.64
C1A HEM B . -1.87 6.18 -1.87
C2A HEM B . -2.63 6.32 -3.06
C3A HEM B . -3.94 6.38 -2.66
C4A HEM B . -3.98 6.26 -1.24
CMA HEM B . -5.14 6.53 -3.57
CAA HEM B . -2.11 6.39 -4.50
CBA HEM B . -1.75 4.98 -5.00
CGA HEM B . -1.50 4.91 -6.49
O1A HEM B . -2.13 5.64 -7.29
O2A HEM B . -0.65 4.09 -6.95
C1B HEM B . -5.16 5.77 0.82
C2B HEM B . -6.36 5.43 1.50
C3B HEM B . -6.04 4.90 2.71
C4B HEM B . -4.55 4.92 2.75
CMB HEM B . -7.77 5.62 0.98
CAB HEM B . -7.04 4.43 3.70
CBB HEM B . -6.82 4.35 5.02
C1C HEM B . -2.41 4.36 3.86
C2C HEM B . -1.65 3.76 4.89
C3C HEM B . -0.30 3.95 4.58
C4C HEM B . -0.27 4.65 3.32
CMC HEM B . -2.23 3.05 6.10
CAC HEM B . 0.88 3.50 5.36
CBC HEM B . 0.93 3.35 6.70
C1D HEM B . 0.80 5.39 1.27
C2D HEM B . 2.03 5.47 0.48
C3D HEM B . 1.67 5.76 -0.79
C4D HEM B . 0.21 5.89 -0.75
CMD HEM B . 3.44 5.22 0.96
CAD HEM B . 2.60 5.94 -1.98
CBD HEM B . 2.72 4.72 -2.86
CGD HEM B . 3.64 4.94 -4.04
O1D HEM B . 3.57 4.16 -5.02
O2D HEM B . 4.49 5.87 -4.06
NA HEM B . -2.70 6.17 -0.75
NB HEM B . -4.11 5.43 1.58
NC HEM B . -1.57 4.90 2.95
ND HEM B . -0.30 5.63 0.49
FE HEM B . -2.09 5.78 1.12
N1 H4B C . -1.07 9.49 -9.42
C2 H4B C . -1.46 8.36 -8.77
N2 H4B C . -2.23 8.50 -7.66
N3 H4B C . -1.10 7.12 -9.20
C4 H4B C . -0.35 6.93 -10.28
O4 H4B C . -0.03 5.78 -10.66
C4A H4B C . 0.11 8.11 -11.02
C8A H4B C . -0.31 9.44 -10.53
N5 H4B C . 0.87 8.03 -12.12
N8 H4B C . 0.09 10.57 -11.17
C6 H4B C . 1.71 9.17 -12.36
C7 H4B C . 0.85 10.44 -12.40
C9 H4B C . 2.49 8.96 -13.66
O9 H4B C . 1.55 8.60 -14.68
C10 H4B C . 3.26 10.20 -14.08
C11 H4B C . 4.14 9.86 -15.27
O10 H4B C . 4.09 10.66 -13.01
CL CL D . -3.95 -1.25 -6.25
C08 0GD E . -2.16 1.74 2.08
C04 0GD E . -2.72 1.98 0.83
C05 0GD E . -1.90 1.95 -0.29
C03 0GD E . -4.05 2.27 0.65
C02 0GD E . -4.53 2.50 -0.64
N07 0GD E . -5.83 2.79 -0.82
N01 0GD E . -3.71 2.42 -1.72
C06 0GD E . -2.42 2.08 -1.58
C09 0GD E . -1.50 1.94 -2.63
C10 0GD E . -0.15 2.24 -2.48
C11 0GD E . 0.74 2.05 -3.54
C14 0GD E . -1.96 1.58 -3.88
C13 0GD E . -1.08 1.35 -4.93
C12 0GD E . 0.28 1.62 -4.79
C15 0GD E . 1.15 1.44 -5.88
N16 0GD E . 1.57 2.69 -6.50
C17 0GD E . 2.41 2.50 -7.71
C18 0GD E . 3.71 1.74 -7.48
C19 0GD E . 4.34 1.69 -8.73
C20 0GD E . 4.04 0.68 -9.64
C21 0GD E . 4.65 0.67 -10.89
F25 0GD E . 4.34 -0.35 -11.79
C22 0GD E . 5.56 1.66 -11.23
C23 0GD E . 5.87 2.67 -10.32
C24 0GD E . 5.26 2.68 -9.08
C1 GOL F . -16.17 3.33 5.52
O1 GOL F . -15.73 2.66 4.35
C2 GOL F . -14.93 3.77 6.26
O2 GOL F . -15.32 4.78 7.22
C3 GOL F . -13.87 4.23 5.24
O3 GOL F . -14.44 4.96 4.14
C1 GOL G . -6.85 -10.29 -19.28
O1 GOL G . -7.68 -11.03 -20.19
C2 GOL G . -7.43 -8.90 -19.00
O2 GOL G . -8.85 -8.99 -18.85
C3 GOL G . -7.08 -8.01 -20.18
O3 GOL G . -5.65 -7.93 -20.32
C1 GOL H . 6.99 -23.70 -1.69
O1 GOL H . 8.24 -23.02 -1.50
C2 GOL H . 6.88 -24.91 -0.77
O2 GOL H . 7.53 -26.06 -1.37
C3 GOL H . 5.40 -25.22 -0.59
O3 GOL H . 4.72 -24.08 -0.01
C1 PEG I . 8.42 -0.19 -6.81
O1 PEG I . 8.73 0.66 -7.93
C2 PEG I . 6.92 -0.25 -6.63
O2 PEG I . 6.57 -0.07 -5.26
C3 PEG I . 5.21 -0.46 -5.07
C4 PEG I . 4.60 0.13 -3.82
O4 PEG I . 3.74 1.22 -4.14
O POL J . -24.33 -1.88 -26.37
C1 POL J . -23.76 -1.04 -27.39
C2 POL J . -24.82 -0.06 -27.90
C3 POL J . -24.20 0.98 -28.82
C1 GOL K . 7.26 7.17 -3.22
O1 GOL K . 6.11 6.99 -2.39
C2 GOL K . 8.51 6.83 -2.42
O2 GOL K . 8.75 7.85 -1.44
C3 GOL K . 9.68 6.74 -3.38
O3 GOL K . 10.76 6.05 -2.74
#